data_1YQK
#
_entry.id   1YQK
#
_cell.length_a   92.358
_cell.length_b   92.358
_cell.length_c   211.312
_cell.angle_alpha   90.00
_cell.angle_beta   90.00
_cell.angle_gamma   120.00
#
_symmetry.space_group_name_H-M   'P 65 2 2'
#
loop_
_entity.id
_entity.type
_entity.pdbx_description
1 polymer "5'-D(*GP*GP*TP*AP*GP*AP*CP*CP*TP*GP*G)-3'"
2 polymer "5'-D(P*CP*AP*GP*GP*TP*CP*TP*AP*C)-3'"
3 polymer 'N-glycosylase/DNA lyase'
4 non-polymer 'CALCIUM ION'
5 non-polymer GLYCEROL
6 water water
#
loop_
_entity_poly.entity_id
_entity_poly.type
_entity_poly.pdbx_seq_one_letter_code
_entity_poly.pdbx_strand_id
1 'polydeoxyribonucleotide' (DG)(DG)(DT)(DA)(DG)(DA)(DC)(DC)(DT)(DG)(DG) B
2 'polydeoxyribonucleotide' (DC)(DA)(DG)(DG)(DT)(DC)(DT)(DA)(DC) C
3 'polypeptide(L)'
;SEFGHRTLASTPALWASIPCPRSELRLDLVLPSGQSFRWREQSPAHWSGVLADQVWTLTQTEEQLHCTVYRGDKSQASRP
TPDELEAVRKYFQLDVTLAQLYHHWGSVDSHFQEVAQKFQGVRLLRQDPIECLFSFICSSCNNIARITGMVERLCQAFGP
RLIQLDDVTYHGFPSLQALAGPEVEAHLRKLGLGYRARYVSASARAILEEQGGLAWLQQLRESSYEEAHKALCILPGVGT
KVADCICLMALDKPQAVPVDVHMWHIAQRDYSWHPTTSQAKGPSPQTNKELGNFFRSLWGPYAGWAQAVLFSADLRQSR
;
A
#
loop_
_chem_comp.id
_chem_comp.type
_chem_comp.name
_chem_comp.formula
CA non-polymer 'CALCIUM ION' 'Ca 2'
DA DNA linking 2'-DEOXYADENOSINE-5'-MONOPHOSPHATE 'C10 H14 N5 O6 P'
DC DNA linking 2'-DEOXYCYTIDINE-5'-MONOPHOSPHATE 'C9 H14 N3 O7 P'
DG DNA linking 2'-DEOXYGUANOSINE-5'-MONOPHOSPHATE 'C10 H14 N5 O7 P'
DT DNA linking THYMIDINE-5'-MONOPHOSPHATE 'C10 H15 N2 O8 P'
GOL non-polymer GLYCEROL 'C3 H8 O3'
#
# COMPACT_ATOMS: atom_id res chain seq x y z
N SER C 1 31.51 2.33 -9.15
CA SER C 1 30.68 1.25 -9.76
C SER C 1 29.96 0.43 -8.70
N GLU C 2 30.68 0.09 -7.63
CA GLU C 2 30.10 -0.67 -6.53
C GLU C 2 29.44 0.28 -5.54
N PHE C 3 29.31 1.53 -5.94
CA PHE C 3 28.71 2.56 -5.12
C PHE C 3 27.42 3.10 -5.71
N GLY C 4 26.50 3.51 -4.83
CA GLY C 4 25.25 4.05 -5.28
C GLY C 4 24.22 2.96 -5.54
N HIS C 5 23.11 3.34 -6.13
CA HIS C 5 22.07 2.38 -6.45
C HIS C 5 22.49 1.60 -7.69
N ARG C 6 22.12 0.32 -7.72
CA ARG C 6 22.49 -0.53 -8.83
C ARG C 6 21.47 -0.49 -9.97
N THR C 7 21.91 -0.95 -11.14
CA THR C 7 21.06 -1.03 -12.31
C THR C 7 21.37 -2.40 -12.90
N LEU C 8 20.41 -2.95 -13.65
CA LEU C 8 20.60 -4.26 -14.25
C LEU C 8 21.85 -4.31 -15.13
N ALA C 9 22.13 -3.21 -15.82
CA ALA C 9 23.28 -3.12 -16.70
C ALA C 9 24.63 -2.91 -16.00
N SER C 10 24.65 -2.12 -14.92
CA SER C 10 25.89 -1.81 -14.17
C SER C 10 26.50 -2.92 -13.34
N THR C 11 25.68 -3.66 -12.61
CA THR C 11 26.17 -4.75 -11.77
C THR C 11 25.38 -6.03 -12.04
N PRO C 12 25.39 -6.49 -13.31
CA PRO C 12 24.71 -7.70 -13.76
C PRO C 12 24.76 -8.91 -12.82
N ALA C 13 25.97 -9.28 -12.43
CA ALA C 13 26.17 -10.44 -11.55
C ALA C 13 25.41 -10.42 -10.21
N LEU C 14 24.94 -9.26 -9.78
CA LEU C 14 24.23 -9.17 -8.50
C LEU C 14 22.71 -9.20 -8.60
N TRP C 15 22.19 -9.56 -9.77
CA TRP C 15 20.75 -9.63 -9.94
C TRP C 15 20.21 -11.05 -10.08
N ALA C 16 18.97 -11.24 -9.65
CA ALA C 16 18.27 -12.51 -9.73
C ALA C 16 16.94 -12.11 -10.34
N SER C 17 16.19 -13.07 -10.87
CA SER C 17 14.92 -12.73 -11.47
C SER C 17 13.76 -13.63 -11.07
N ILE C 18 12.57 -13.09 -11.20
CA ILE C 18 11.36 -13.82 -10.87
C ILE C 18 10.51 -13.75 -12.13
N PRO C 19 10.07 -14.91 -12.64
CA PRO C 19 9.24 -14.90 -13.84
C PRO C 19 7.99 -14.07 -13.60
N CYS C 20 7.79 -13.06 -14.42
CA CYS C 20 6.64 -12.19 -14.27
C CYS C 20 6.51 -11.20 -15.43
N PRO C 21 5.58 -11.50 -16.35
CA PRO C 21 5.35 -10.63 -17.50
C PRO C 21 4.65 -9.36 -17.04
N ARG C 22 4.87 -8.25 -17.75
CA ARG C 22 4.25 -6.98 -17.39
C ARG C 22 2.74 -7.04 -17.32
N SER C 23 2.15 -8.09 -17.85
CA SER C 23 0.69 -8.22 -17.82
C SER C 23 0.27 -8.58 -16.38
N GLU C 24 1.22 -9.13 -15.62
CA GLU C 24 0.96 -9.50 -14.24
C GLU C 24 1.39 -8.45 -13.22
N LEU C 25 2.28 -7.53 -13.63
CA LEU C 25 2.77 -6.50 -12.72
C LEU C 25 3.41 -5.33 -13.45
N ARG C 26 3.02 -4.13 -13.10
CA ARG C 26 3.62 -2.96 -13.70
C ARG C 26 4.11 -2.05 -12.58
N LEU C 27 5.40 -2.20 -12.25
CA LEU C 27 6.01 -1.43 -11.18
C LEU C 27 5.68 0.05 -11.23
N ASP C 28 5.73 0.64 -12.42
CA ASP C 28 5.46 2.06 -12.55
C ASP C 28 4.00 2.41 -12.28
N LEU C 29 3.14 1.40 -12.25
CA LEU C 29 1.71 1.62 -12.01
C LEU C 29 1.33 1.32 -10.56
N VAL C 30 2.10 0.45 -9.90
CA VAL C 30 1.80 0.06 -8.53
C VAL C 30 2.60 0.76 -7.42
N LEU C 31 3.91 0.85 -7.58
CA LEU C 31 4.76 1.47 -6.57
C LEU C 31 4.51 2.94 -6.26
N PRO C 32 4.12 3.75 -7.23
CA PRO C 32 3.91 5.14 -6.81
C PRO C 32 2.42 5.52 -6.80
N SER C 33 1.55 4.52 -6.96
CA SER C 33 0.12 4.77 -7.03
C SER C 33 -0.59 5.16 -5.75
N GLY C 34 0.13 5.20 -4.63
CA GLY C 34 -0.49 5.56 -3.37
C GLY C 34 -0.85 4.40 -2.43
N GLN C 35 -0.34 3.20 -2.70
CA GLN C 35 -0.57 2.07 -1.80
C GLN C 35 0.53 2.19 -0.76
N SER C 36 1.77 2.11 -1.24
CA SER C 36 2.93 2.27 -0.39
C SER C 36 3.54 3.60 -0.80
N PHE C 37 4.22 4.27 0.13
CA PHE C 37 4.83 5.55 -0.19
C PHE C 37 6.32 5.48 0.08
N ARG C 38 6.91 4.31 -0.06
CA ARG C 38 8.32 4.21 0.26
C ARG C 38 9.21 3.73 -0.88
N TRP C 39 8.67 3.82 -2.09
CA TRP C 39 9.44 3.43 -3.25
C TRP C 39 9.79 4.64 -4.08
N ARG C 40 11.03 4.69 -4.56
CA ARG C 40 11.49 5.80 -5.37
C ARG C 40 12.16 5.26 -6.62
N GLU C 41 11.91 5.91 -7.74
CA GLU C 41 12.51 5.50 -8.99
C GLU C 41 13.82 6.27 -9.07
N GLN C 42 14.84 5.84 -8.31
CA GLN C 42 16.12 6.53 -8.29
C GLN C 42 16.76 6.61 -9.68
N SER C 43 16.72 5.49 -10.40
CA SER C 43 17.23 5.40 -11.76
C SER C 43 15.98 5.15 -12.60
N PRO C 44 15.93 5.65 -13.83
CA PRO C 44 14.73 5.42 -14.65
C PRO C 44 14.40 3.93 -14.76
N ALA C 45 13.14 3.59 -14.44
CA ALA C 45 12.63 2.21 -14.48
C ALA C 45 13.23 1.31 -13.38
N HIS C 46 13.88 1.92 -12.41
CA HIS C 46 14.47 1.18 -11.29
C HIS C 46 13.89 1.70 -9.98
N TRP C 47 13.18 0.84 -9.25
CA TRP C 47 12.59 1.28 -8.00
C TRP C 47 13.31 0.74 -6.79
N SER C 48 13.60 1.63 -5.84
CA SER C 48 14.29 1.22 -4.65
C SER C 48 13.44 1.48 -3.42
N GLY C 49 13.59 0.65 -2.40
CA GLY C 49 12.80 0.83 -1.20
C GLY C 49 13.10 -0.27 -0.21
N VAL C 50 12.45 -0.19 0.95
CA VAL C 50 12.65 -1.17 1.99
C VAL C 50 11.54 -2.20 1.93
N LEU C 51 11.94 -3.46 1.83
CA LEU C 51 11.01 -4.59 1.76
C LEU C 51 11.61 -5.67 2.63
N ALA C 52 10.83 -6.14 3.58
CA ALA C 52 11.29 -7.19 4.48
C ALA C 52 12.53 -6.77 5.27
N ASP C 53 12.57 -5.53 5.73
CA ASP C 53 13.69 -5.00 6.51
C ASP C 53 15.05 -4.92 5.80
N GLN C 54 15.04 -4.90 4.48
CA GLN C 54 16.27 -4.76 3.69
C GLN C 54 15.97 -3.84 2.49
N VAL C 55 17.01 -3.24 1.93
CA VAL C 55 16.81 -2.37 0.79
C VAL C 55 16.91 -3.16 -0.51
N TRP C 56 15.96 -2.95 -1.41
CA TRP C 56 15.96 -3.64 -2.69
C TRP C 56 15.81 -2.65 -3.83
N THR C 57 16.15 -3.10 -5.02
CA THR C 57 15.95 -2.30 -6.22
C THR C 57 15.23 -3.29 -7.12
N LEU C 58 14.15 -2.85 -7.75
CA LEU C 58 13.40 -3.73 -8.62
C LEU C 58 13.32 -3.05 -9.97
N THR C 59 13.31 -3.85 -11.03
CA THR C 59 13.20 -3.35 -12.39
C THR C 59 12.73 -4.52 -13.22
N GLN C 60 11.84 -4.25 -14.15
CA GLN C 60 11.33 -5.33 -14.97
C GLN C 60 11.58 -5.18 -16.46
N THR C 61 11.64 -6.33 -17.13
CA THR C 61 11.87 -6.36 -18.57
C THR C 61 10.70 -7.07 -19.25
N GLU C 62 11.06 -8.07 -20.05
CA GLU C 62 10.12 -8.88 -20.80
C GLU C 62 9.17 -9.72 -19.95
N GLU C 63 9.68 -10.86 -19.50
CA GLU C 63 8.92 -11.79 -18.71
C GLU C 63 9.61 -12.01 -17.38
N GLN C 64 10.50 -11.09 -17.03
CA GLN C 64 11.23 -11.20 -15.76
C GLN C 64 11.10 -9.94 -14.92
N LEU C 65 11.18 -10.14 -13.60
CA LEU C 65 11.15 -9.06 -12.63
C LEU C 65 12.52 -9.20 -12.01
N HIS C 66 13.37 -8.20 -12.21
CA HIS C 66 14.73 -8.28 -11.68
C HIS C 66 14.83 -7.67 -10.30
N CYS C 67 15.46 -8.41 -9.41
CA CYS C 67 15.61 -7.96 -8.05
C CYS C 67 17.04 -7.99 -7.60
N THR C 68 17.40 -7.02 -6.76
CA THR C 68 18.73 -6.95 -6.20
C THR C 68 18.55 -6.42 -4.78
N VAL C 69 19.22 -7.06 -3.81
CA VAL C 69 19.09 -6.64 -2.43
C VAL C 69 20.42 -6.20 -1.81
N TYR C 70 20.37 -5.14 -1.01
CA TYR C 70 21.54 -4.60 -0.34
C TYR C 70 21.42 -4.92 1.14
N ARG C 71 22.13 -5.96 1.58
CA ARG C 71 22.07 -6.35 2.99
C ARG C 71 22.91 -5.43 3.84
N SER C 75 28.94 -8.46 5.52
CA SER C 75 28.71 -7.81 4.20
C SER C 75 29.00 -8.78 3.05
N GLN C 76 29.61 -8.26 1.97
CA GLN C 76 29.95 -9.04 0.77
C GLN C 76 28.69 -9.35 -0.05
N ALA C 77 28.40 -8.49 -1.02
CA ALA C 77 27.23 -8.62 -1.87
C ALA C 77 27.08 -9.99 -2.53
N SER C 78 25.95 -10.17 -3.21
CA SER C 78 25.61 -11.40 -3.92
C SER C 78 24.14 -11.33 -4.28
N ARG C 79 23.79 -11.82 -5.46
CA ARG C 79 22.41 -11.79 -5.91
C ARG C 79 21.44 -12.28 -4.83
N PRO C 80 20.16 -11.88 -4.96
CA PRO C 80 19.15 -12.30 -3.98
C PRO C 80 19.14 -13.82 -3.86
N THR C 81 18.87 -14.32 -2.67
CA THR C 81 18.83 -15.77 -2.45
C THR C 81 17.43 -16.30 -2.75
N PRO C 82 17.28 -17.64 -2.81
CA PRO C 82 16.00 -18.30 -3.10
C PRO C 82 14.86 -17.78 -2.23
N ASP C 83 15.13 -17.67 -0.94
CA ASP C 83 14.15 -17.22 0.05
C ASP C 83 13.88 -15.71 0.00
N GLU C 84 14.93 -14.92 -0.16
CA GLU C 84 14.77 -13.47 -0.24
C GLU C 84 13.87 -13.13 -1.43
N LEU C 85 14.09 -13.82 -2.55
CA LEU C 85 13.26 -13.56 -3.72
C LEU C 85 11.84 -13.99 -3.43
N GLU C 86 11.68 -14.98 -2.57
CA GLU C 86 10.35 -15.48 -2.21
C GLU C 86 9.58 -14.40 -1.47
N ALA C 87 10.30 -13.60 -0.68
CA ALA C 87 9.70 -12.50 0.07
C ALA C 87 9.16 -11.47 -0.90
N VAL C 88 9.89 -11.27 -1.99
CA VAL C 88 9.45 -10.32 -3.00
C VAL C 88 8.16 -10.84 -3.62
N ARG C 89 8.06 -12.16 -3.79
CA ARG C 89 6.86 -12.76 -4.36
C ARG C 89 5.67 -12.54 -3.45
N LYS C 90 5.82 -12.83 -2.17
CA LYS C 90 4.72 -12.62 -1.23
C LYS C 90 4.33 -11.14 -1.18
N TYR C 91 5.28 -10.24 -1.33
CA TYR C 91 5.00 -8.81 -1.27
C TYR C 91 4.12 -8.34 -2.43
N PHE C 92 4.32 -8.95 -3.59
CA PHE C 92 3.52 -8.57 -4.76
C PHE C 92 2.34 -9.52 -4.95
N GLN C 93 2.21 -10.47 -4.02
CA GLN C 93 1.12 -11.45 -4.03
C GLN C 93 0.96 -12.01 -5.43
N LEU C 94 2.09 -12.41 -6.02
CA LEU C 94 2.10 -12.95 -7.38
C LEU C 94 1.24 -14.18 -7.57
N ASP C 95 1.04 -14.96 -6.51
CA ASP C 95 0.19 -16.14 -6.59
C ASP C 95 -1.23 -15.76 -7.00
N VAL C 96 -1.56 -14.48 -6.89
CA VAL C 96 -2.88 -13.99 -7.30
C VAL C 96 -2.75 -13.55 -8.75
N THR C 97 -3.28 -14.35 -9.67
CA THR C 97 -3.21 -14.09 -11.11
C THR C 97 -4.14 -13.00 -11.62
N LEU C 98 -3.58 -11.90 -12.13
CA LEU C 98 -4.41 -10.81 -12.63
C LEU C 98 -5.16 -11.19 -13.90
N ALA C 99 -4.52 -11.99 -14.74
CA ALA C 99 -5.15 -12.41 -15.97
C ALA C 99 -6.54 -12.97 -15.64
N GLN C 100 -6.62 -13.81 -14.62
CA GLN C 100 -7.90 -14.39 -14.18
C GLN C 100 -8.87 -13.35 -13.63
N LEU C 101 -8.39 -12.43 -12.79
CA LEU C 101 -9.27 -11.42 -12.22
C LEU C 101 -9.82 -10.45 -13.26
N TYR C 102 -8.97 -9.99 -14.18
CA TYR C 102 -9.41 -9.06 -15.21
C TYR C 102 -10.47 -9.72 -16.07
N HIS C 103 -10.31 -11.04 -16.23
CA HIS C 103 -11.28 -11.77 -17.01
C HIS C 103 -12.62 -11.75 -16.30
N HIS C 104 -12.63 -12.08 -15.01
CA HIS C 104 -13.87 -12.09 -14.27
C HIS C 104 -14.54 -10.73 -14.19
N TRP C 105 -13.80 -9.71 -13.76
CA TRP C 105 -14.39 -8.37 -13.67
C TRP C 105 -14.87 -7.88 -15.03
N GLY C 106 -14.09 -8.16 -16.07
CA GLY C 106 -14.45 -7.73 -17.40
C GLY C 106 -15.71 -8.40 -17.89
N SER C 107 -15.87 -9.68 -17.57
CA SER C 107 -17.05 -10.43 -17.99
C SER C 107 -18.33 -10.05 -17.25
N VAL C 108 -18.21 -9.28 -16.16
CA VAL C 108 -19.39 -8.88 -15.40
C VAL C 108 -19.58 -7.37 -15.40
N ASP C 109 -18.63 -6.65 -15.99
CA ASP C 109 -18.71 -5.19 -16.03
C ASP C 109 -18.12 -4.69 -17.35
N SER C 110 -18.98 -4.38 -18.32
CA SER C 110 -18.54 -3.90 -19.62
C SER C 110 -17.57 -2.73 -19.58
N HIS C 111 -17.86 -1.74 -18.74
CA HIS C 111 -17.01 -0.56 -18.60
C HIS C 111 -15.60 -0.95 -18.20
N PHE C 112 -15.46 -1.97 -17.37
CA PHE C 112 -14.14 -2.40 -16.94
C PHE C 112 -13.47 -2.94 -18.18
N GLN C 113 -14.14 -3.89 -18.82
CA GLN C 113 -13.65 -4.52 -20.04
C GLN C 113 -12.85 -3.53 -20.88
N GLU C 114 -13.50 -2.44 -21.28
CA GLU C 114 -12.81 -1.43 -22.08
C GLU C 114 -11.68 -0.77 -21.27
N VAL C 115 -12.05 0.08 -20.33
CA VAL C 115 -11.09 0.79 -19.48
C VAL C 115 -9.79 0.10 -19.04
N ALA C 116 -9.87 -1.16 -18.64
CA ALA C 116 -8.68 -1.88 -18.14
C ALA C 116 -7.76 -2.43 -19.22
N GLN C 117 -8.21 -2.39 -20.46
CA GLN C 117 -7.39 -2.91 -21.56
C GLN C 117 -6.02 -2.24 -21.56
N LYS C 118 -6.01 -0.92 -21.43
CA LYS C 118 -4.78 -0.16 -21.44
C LYS C 118 -4.07 -0.03 -20.09
N PHE C 119 -4.44 -0.85 -19.10
CA PHE C 119 -3.81 -0.76 -17.79
C PHE C 119 -3.69 -2.08 -17.07
N GLN C 120 -3.04 -3.05 -17.69
CA GLN C 120 -2.90 -4.33 -17.04
C GLN C 120 -1.83 -4.16 -15.97
N GLY C 121 -1.53 -5.26 -15.27
CA GLY C 121 -0.51 -5.24 -14.25
C GLY C 121 -0.73 -4.39 -13.00
N VAL C 122 -1.95 -4.01 -12.72
CA VAL C 122 -2.23 -3.24 -11.51
C VAL C 122 -2.66 -4.24 -10.45
N ARG C 123 -2.03 -4.21 -9.28
CA ARG C 123 -2.38 -5.15 -8.22
C ARG C 123 -2.11 -4.55 -6.84
N LEU C 124 -2.56 -5.25 -5.81
CA LEU C 124 -2.35 -4.78 -4.44
C LEU C 124 -1.10 -5.36 -3.83
N LEU C 125 -0.43 -4.55 -3.03
CA LEU C 125 0.77 -4.97 -2.33
C LEU C 125 0.34 -5.54 -1.00
N ARG C 126 1.08 -6.53 -0.52
CA ARG C 126 0.83 -7.13 0.78
C ARG C 126 1.78 -6.39 1.77
N GLN C 127 1.30 -5.29 2.34
CA GLN C 127 2.09 -4.46 3.26
C GLN C 127 2.03 -4.89 4.75
N ASP C 128 2.93 -4.32 5.56
CA ASP C 128 2.96 -4.59 7.00
C ASP C 128 1.88 -3.77 7.64
N PRO C 129 1.13 -4.37 8.57
CA PRO C 129 0.04 -3.66 9.25
C PRO C 129 0.46 -2.34 9.92
N ILE C 130 1.65 -2.31 10.51
CA ILE C 130 2.07 -1.10 11.19
C ILE C 130 2.34 0.02 10.20
N GLU C 131 3.24 -0.23 9.26
CA GLU C 131 3.55 0.80 8.28
C GLU C 131 2.26 1.29 7.62
N CYS C 132 1.38 0.36 7.29
CA CYS C 132 0.14 0.70 6.63
C CYS C 132 -0.80 1.48 7.54
N LEU C 133 -0.87 1.12 8.81
CA LEU C 133 -1.76 1.81 9.75
C LEU C 133 -1.35 3.27 9.90
N PHE C 134 -0.09 3.50 10.19
CA PHE C 134 0.39 4.86 10.39
C PHE C 134 0.55 5.69 9.12
N SER C 135 0.82 5.04 7.99
CA SER C 135 0.94 5.79 6.75
C SER C 135 -0.44 6.35 6.44
N PHE C 136 -1.45 5.50 6.51
CA PHE C 136 -2.77 5.99 6.18
C PHE C 136 -3.42 6.88 7.22
N ILE C 137 -2.86 6.93 8.42
CA ILE C 137 -3.44 7.86 9.39
C ILE C 137 -3.02 9.26 8.92
N CYS C 138 -1.92 9.33 8.18
CA CYS C 138 -1.39 10.59 7.67
C CYS C 138 -1.99 11.07 6.36
N SER C 139 -2.79 10.22 5.73
CA SER C 139 -3.41 10.56 4.46
C SER C 139 -4.63 11.49 4.58
N SER C 140 -4.95 11.89 5.80
CA SER C 140 -6.07 12.78 6.06
C SER C 140 -5.83 14.17 5.47
N CYS C 141 -6.79 14.68 4.71
CA CYS C 141 -6.65 15.99 4.06
C CYS C 141 -5.34 16.09 3.28
N ASN C 142 -4.89 14.99 2.70
CA ASN C 142 -3.64 15.00 1.97
C ASN C 142 -3.65 14.28 0.63
N ASN C 143 -2.56 14.46 -0.10
CA ASN C 143 -2.37 13.86 -1.43
C ASN C 143 -1.09 13.03 -1.36
N ILE C 144 -0.91 12.13 -2.33
CA ILE C 144 0.25 11.26 -2.37
C ILE C 144 1.60 11.94 -2.13
N ALA C 145 1.78 13.12 -2.70
CA ALA C 145 3.03 13.85 -2.53
C ALA C 145 3.23 14.29 -1.08
N ARG C 146 2.19 14.86 -0.48
CA ARG C 146 2.28 15.30 0.90
C ARG C 146 2.54 14.09 1.82
N ILE C 147 1.67 13.09 1.72
CA ILE C 147 1.80 11.87 2.51
C ILE C 147 3.19 11.28 2.40
N THR C 148 3.70 11.18 1.18
CA THR C 148 5.02 10.59 0.98
C THR C 148 6.10 11.34 1.75
N GLY C 149 5.97 12.65 1.79
CA GLY C 149 6.96 13.45 2.50
C GLY C 149 6.91 13.21 3.99
N MET C 150 5.70 13.29 4.55
CA MET C 150 5.51 13.08 5.96
C MET C 150 6.07 11.71 6.36
N VAL C 151 5.61 10.64 5.72
CA VAL C 151 6.07 9.28 6.02
C VAL C 151 7.59 9.14 5.92
N GLU C 152 8.19 9.87 4.99
CA GLU C 152 9.64 9.81 4.83
C GLU C 152 10.38 10.43 6.02
N ARG C 153 9.93 11.60 6.47
CA ARG C 153 10.60 12.25 7.59
C ARG C 153 10.35 11.44 8.86
N LEU C 154 9.16 10.90 8.96
CA LEU C 154 8.78 10.07 10.10
C LEU C 154 9.71 8.86 10.31
N CYS C 155 10.12 8.19 9.23
CA CYS C 155 11.02 7.04 9.36
C CYS C 155 12.45 7.51 9.63
N GLN C 156 12.85 8.58 8.95
CA GLN C 156 14.17 9.13 9.14
C GLN C 156 14.33 9.45 10.62
N ALA C 157 13.29 10.01 11.23
CA ALA C 157 13.33 10.40 12.64
C ALA C 157 13.23 9.28 13.67
N PHE C 158 12.37 8.28 13.43
CA PHE C 158 12.21 7.22 14.41
C PHE C 158 12.48 5.80 13.95
N GLY C 159 12.82 5.61 12.68
CA GLY C 159 13.08 4.25 12.20
C GLY C 159 14.54 3.85 12.30
N PRO C 160 14.86 2.55 12.32
CA PRO C 160 16.25 2.07 12.42
C PRO C 160 16.98 2.33 11.11
N ARG C 161 18.23 2.78 11.19
CA ARG C 161 19.03 3.05 10.00
C ARG C 161 19.45 1.76 9.30
N LEU C 162 19.09 1.59 8.03
CA LEU C 162 19.45 0.38 7.32
C LEU C 162 20.82 0.49 6.64
N ILE C 163 20.86 1.03 5.43
CA ILE C 163 22.12 1.21 4.72
C ILE C 163 22.01 2.50 3.95
N GLN C 164 23.14 2.98 3.43
CA GLN C 164 23.17 4.23 2.68
C GLN C 164 23.63 4.00 1.22
N LEU C 165 22.87 4.55 0.27
CA LEU C 165 23.19 4.44 -1.15
C LEU C 165 23.19 5.86 -1.71
N ASP C 166 24.32 6.30 -2.26
CA ASP C 166 24.45 7.65 -2.78
C ASP C 166 24.20 8.58 -1.60
N ASP C 167 23.35 9.59 -1.75
CA ASP C 167 23.07 10.48 -0.61
C ASP C 167 21.74 10.14 0.04
N VAL C 168 21.33 8.89 -0.10
CA VAL C 168 20.08 8.42 0.47
C VAL C 168 20.27 7.40 1.59
N THR C 169 19.81 7.72 2.79
CA THR C 169 19.95 6.77 3.88
C THR C 169 18.60 6.08 4.08
N TYR C 170 18.57 4.75 4.03
CA TYR C 170 17.30 4.06 4.20
C TYR C 170 17.02 3.71 5.67
N HIS C 171 15.74 3.80 6.04
CA HIS C 171 15.29 3.49 7.39
C HIS C 171 14.12 2.55 7.33
N GLY C 172 14.04 1.65 8.31
CA GLY C 172 12.94 0.72 8.38
C GLY C 172 11.80 1.52 9.00
N PHE C 173 10.58 1.05 8.85
CA PHE C 173 9.46 1.77 9.44
C PHE C 173 9.57 1.75 10.97
N PRO C 174 9.23 2.86 11.64
CA PRO C 174 9.32 2.91 13.11
C PRO C 174 8.53 1.77 13.77
N SER C 175 8.98 1.34 14.94
CA SER C 175 8.30 0.29 15.67
C SER C 175 7.23 0.95 16.55
N LEU C 176 6.38 0.13 17.15
CA LEU C 176 5.34 0.64 18.04
C LEU C 176 5.98 1.36 19.24
N GLN C 177 6.99 0.74 19.84
CA GLN C 177 7.68 1.32 20.99
C GLN C 177 8.12 2.74 20.66
N ALA C 178 8.73 2.90 19.50
CA ALA C 178 9.24 4.20 19.08
C ALA C 178 8.13 5.25 18.93
N LEU C 179 7.07 4.93 18.20
CA LEU C 179 5.97 5.88 18.01
C LEU C 179 5.22 6.18 19.31
N ALA C 180 5.27 5.25 20.25
CA ALA C 180 4.58 5.43 21.52
C ALA C 180 5.43 6.13 22.59
N GLY C 181 6.67 6.45 22.24
CA GLY C 181 7.56 7.09 23.18
C GLY C 181 7.22 8.48 23.64
N PRO C 182 7.94 9.00 24.65
CA PRO C 182 7.70 10.34 25.18
C PRO C 182 8.03 11.46 24.20
N GLU C 183 7.18 12.49 24.19
CA GLU C 183 7.34 13.65 23.34
C GLU C 183 7.34 13.40 21.83
N VAL C 184 6.94 12.21 21.39
CA VAL C 184 6.91 11.94 19.97
C VAL C 184 5.98 12.89 19.21
N GLU C 185 4.79 13.14 19.77
CA GLU C 185 3.84 14.02 19.08
C GLU C 185 4.50 15.37 18.81
N ALA C 186 5.23 15.88 19.79
CA ALA C 186 5.90 17.16 19.65
C ALA C 186 6.92 17.05 18.52
N HIS C 187 7.65 15.94 18.50
CA HIS C 187 8.66 15.74 17.47
C HIS C 187 7.97 15.74 16.08
N LEU C 188 6.92 14.95 15.95
CA LEU C 188 6.18 14.85 14.70
C LEU C 188 5.62 16.20 14.20
N ARG C 189 5.22 17.07 15.10
CA ARG C 189 4.71 18.36 14.68
C ARG C 189 5.81 19.20 14.02
N LYS C 190 7.06 19.03 14.47
CA LYS C 190 8.17 19.78 13.89
C LYS C 190 8.42 19.25 12.48
N LEU C 191 8.01 18.01 12.25
CA LEU C 191 8.17 17.40 10.94
C LEU C 191 6.95 17.69 10.06
N GLY C 192 6.12 18.62 10.49
CA GLY C 192 4.96 19.02 9.72
C GLY C 192 3.76 18.10 9.61
N LEU C 193 3.64 17.09 10.46
CA LEU C 193 2.47 16.22 10.36
C LEU C 193 1.16 16.90 10.80
N GLY C 194 1.28 18.05 11.46
CA GLY C 194 0.11 18.76 11.92
C GLY C 194 -0.64 17.97 13.01
N TYR C 195 -1.97 17.99 12.93
CA TYR C 195 -2.83 17.31 13.88
C TYR C 195 -2.72 15.79 13.82
N ARG C 196 -2.11 15.30 12.74
CA ARG C 196 -1.95 13.86 12.56
C ARG C 196 -0.93 13.36 13.57
N ALA C 197 -0.10 14.27 14.05
CA ALA C 197 0.93 13.93 15.04
C ALA C 197 0.28 13.27 16.25
N ARG C 198 -0.83 13.85 16.71
CA ARG C 198 -1.56 13.33 17.86
C ARG C 198 -2.03 11.90 17.65
N TYR C 199 -2.63 11.63 16.49
CA TYR C 199 -3.12 10.29 16.17
C TYR C 199 -2.01 9.25 16.12
N VAL C 200 -0.90 9.57 15.48
CA VAL C 200 0.20 8.60 15.40
C VAL C 200 0.54 8.16 16.83
N SER C 201 0.84 9.15 17.68
CA SER C 201 1.19 8.91 19.06
C SER C 201 0.07 8.23 19.86
N ALA C 202 -1.14 8.77 19.79
CA ALA C 202 -2.26 8.19 20.53
C ALA C 202 -2.51 6.76 20.09
N SER C 203 -2.38 6.52 18.79
CA SER C 203 -2.62 5.20 18.24
C SER C 203 -1.52 4.18 18.60
N ALA C 204 -0.28 4.65 18.65
CA ALA C 204 0.84 3.77 18.99
C ALA C 204 0.68 3.32 20.43
N ARG C 205 0.21 4.22 21.27
CA ARG C 205 0.01 3.89 22.68
C ARG C 205 -1.18 2.97 22.91
N ALA C 206 -2.27 3.20 22.19
CA ALA C 206 -3.48 2.39 22.34
C ALA C 206 -3.24 0.93 22.01
N ILE C 207 -2.54 0.66 20.92
CA ILE C 207 -2.29 -0.72 20.55
C ILE C 207 -1.48 -1.42 21.62
N LEU C 208 -0.45 -0.74 22.09
CA LEU C 208 0.47 -1.25 23.08
C LEU C 208 -0.03 -1.28 24.51
N GLU C 209 -0.88 -0.33 24.87
CA GLU C 209 -1.38 -0.24 26.24
C GLU C 209 -2.87 -0.50 26.44
N GLU C 210 -3.56 -0.97 25.42
CA GLU C 210 -4.97 -1.23 25.57
C GLU C 210 -5.47 -2.37 24.74
N GLN C 211 -4.70 -2.79 23.74
CA GLN C 211 -5.18 -3.86 22.87
C GLN C 211 -4.38 -5.15 22.80
N GLY C 212 -3.14 -5.14 23.27
CA GLY C 212 -2.36 -6.36 23.20
C GLY C 212 -1.15 -6.30 22.28
N GLY C 213 -0.80 -5.09 21.86
CA GLY C 213 0.37 -4.89 21.02
C GLY C 213 0.34 -5.41 19.60
N LEU C 214 1.53 -5.56 19.04
CA LEU C 214 1.67 -6.03 17.68
C LEU C 214 0.77 -7.22 17.39
N ALA C 215 0.87 -8.27 18.20
CA ALA C 215 0.06 -9.48 18.03
C ALA C 215 -1.38 -9.16 17.69
N TRP C 216 -1.97 -8.22 18.42
CA TRP C 216 -3.36 -7.82 18.18
C TRP C 216 -3.60 -7.48 16.73
N LEU C 217 -2.78 -6.56 16.23
CA LEU C 217 -2.83 -6.08 14.87
C LEU C 217 -2.70 -7.24 13.90
N GLN C 218 -1.57 -7.93 14.00
CA GLN C 218 -1.27 -9.09 13.15
C GLN C 218 -2.43 -10.08 13.13
N GLN C 219 -2.87 -10.51 14.31
CA GLN C 219 -3.95 -11.48 14.44
C GLN C 219 -5.17 -11.12 13.60
N LEU C 220 -5.26 -9.87 13.18
CA LEU C 220 -6.40 -9.43 12.37
C LEU C 220 -6.38 -9.96 10.94
N ARG C 221 -5.25 -10.55 10.53
CA ARG C 221 -5.15 -11.13 9.19
C ARG C 221 -5.96 -12.42 9.14
N GLU C 222 -6.13 -13.05 10.30
CA GLU C 222 -6.88 -14.28 10.39
C GLU C 222 -8.35 -14.01 10.71
N SER C 223 -8.64 -12.81 11.21
CA SER C 223 -10.01 -12.44 11.51
C SER C 223 -10.75 -12.16 10.21
N SER C 224 -12.07 -11.97 10.30
CA SER C 224 -12.91 -11.69 9.15
C SER C 224 -12.90 -10.20 8.85
N TYR C 225 -13.12 -9.83 7.60
CA TYR C 225 -13.16 -8.43 7.20
C TYR C 225 -13.98 -7.55 8.13
N GLU C 226 -15.15 -8.03 8.53
CA GLU C 226 -16.02 -7.26 9.40
C GLU C 226 -15.45 -7.11 10.80
N GLU C 227 -14.82 -8.17 11.30
CA GLU C 227 -14.21 -8.10 12.62
C GLU C 227 -13.01 -7.17 12.53
N ALA C 228 -12.15 -7.44 11.55
CA ALA C 228 -10.95 -6.65 11.32
C ALA C 228 -11.30 -5.16 11.24
N HIS C 229 -12.28 -4.84 10.39
CA HIS C 229 -12.67 -3.44 10.20
C HIS C 229 -13.10 -2.80 11.51
N LYS C 230 -13.89 -3.53 12.29
CA LYS C 230 -14.38 -3.04 13.56
C LYS C 230 -13.26 -2.76 14.54
N ALA C 231 -12.32 -3.70 14.61
CA ALA C 231 -11.18 -3.58 15.51
C ALA C 231 -10.37 -2.30 15.30
N LEU C 232 -9.92 -2.10 14.06
CA LEU C 232 -9.13 -0.92 13.69
C LEU C 232 -9.82 0.39 14.04
N CYS C 233 -11.11 0.51 13.76
CA CYS C 233 -11.85 1.73 14.05
C CYS C 233 -11.75 2.16 15.49
N ILE C 234 -11.31 1.24 16.36
CA ILE C 234 -11.14 1.52 17.79
C ILE C 234 -10.06 2.57 18.00
N LEU C 235 -9.02 2.50 17.16
CA LEU C 235 -7.88 3.39 17.23
C LEU C 235 -8.20 4.85 16.92
N PRO C 236 -7.56 5.78 17.64
CA PRO C 236 -7.75 7.23 17.45
C PRO C 236 -7.12 7.65 16.13
N GLY C 237 -7.94 8.21 15.23
CA GLY C 237 -7.45 8.62 13.93
C GLY C 237 -7.76 7.58 12.87
N VAL C 238 -8.41 6.49 13.26
CA VAL C 238 -8.76 5.43 12.33
C VAL C 238 -10.25 5.29 12.13
N GLY C 239 -10.76 5.81 11.02
CA GLY C 239 -12.18 5.71 10.70
C GLY C 239 -12.43 4.65 9.65
N THR C 240 -13.64 4.67 9.07
CA THR C 240 -14.08 3.71 8.05
C THR C 240 -13.10 3.60 6.90
N LYS C 241 -12.79 4.76 6.32
CA LYS C 241 -11.88 4.88 5.19
C LYS C 241 -10.49 4.26 5.46
N VAL C 242 -9.80 4.77 6.49
CA VAL C 242 -8.48 4.26 6.87
C VAL C 242 -8.56 2.78 7.22
N ALA C 243 -9.63 2.40 7.91
CA ALA C 243 -9.80 1.01 8.29
C ALA C 243 -9.92 0.14 7.04
N ASP C 244 -10.66 0.64 6.05
CA ASP C 244 -10.81 -0.12 4.80
C ASP C 244 -9.47 -0.27 4.07
N CYS C 245 -8.66 0.79 4.07
CA CYS C 245 -7.35 0.78 3.42
C CYS C 245 -6.46 -0.25 4.12
N ILE C 246 -6.38 -0.16 5.44
CA ILE C 246 -5.56 -1.12 6.17
C ILE C 246 -6.04 -2.53 5.87
N CYS C 247 -7.34 -2.76 5.94
CA CYS C 247 -7.91 -4.08 5.66
C CYS C 247 -7.52 -4.57 4.27
N LEU C 248 -7.75 -3.70 3.29
CA LEU C 248 -7.46 -4.02 1.89
C LEU C 248 -5.99 -4.22 1.61
N MET C 249 -5.17 -3.37 2.19
CA MET C 249 -3.75 -3.41 1.91
C MET C 249 -2.79 -4.18 2.80
N ALA C 250 -3.19 -4.49 4.03
CA ALA C 250 -2.28 -5.20 4.90
C ALA C 250 -2.85 -6.44 5.59
N LEU C 251 -4.16 -6.49 5.76
CA LEU C 251 -4.79 -7.62 6.44
C LEU C 251 -5.42 -8.71 5.55
N ASP C 252 -5.08 -8.68 4.27
CA ASP C 252 -5.59 -9.66 3.31
C ASP C 252 -7.09 -9.68 3.10
N LYS C 253 -7.73 -8.51 3.09
CA LYS C 253 -9.18 -8.42 2.84
C LYS C 253 -9.43 -7.75 1.47
N PRO C 254 -9.29 -8.52 0.37
CA PRO C 254 -9.50 -8.03 -1.00
C PRO C 254 -10.88 -7.49 -1.35
N GLN C 255 -11.87 -7.74 -0.50
CA GLN C 255 -13.22 -7.24 -0.77
C GLN C 255 -13.43 -5.84 -0.23
N ALA C 256 -12.52 -5.37 0.62
CA ALA C 256 -12.65 -4.03 1.18
C ALA C 256 -12.59 -3.02 0.05
N VAL C 257 -13.47 -2.03 0.10
CA VAL C 257 -13.52 -1.01 -0.94
C VAL C 257 -13.57 0.39 -0.34
N PRO C 258 -12.39 1.00 -0.08
CA PRO C 258 -12.33 2.35 0.49
C PRO C 258 -13.12 3.37 -0.34
N VAL C 259 -14.06 4.06 0.28
CA VAL C 259 -14.87 5.03 -0.43
C VAL C 259 -14.60 6.47 -0.04
N ASP C 260 -14.10 7.25 -1.00
CA ASP C 260 -13.83 8.67 -0.80
C ASP C 260 -14.53 9.40 -1.94
N VAL C 261 -14.51 10.73 -1.91
CA VAL C 261 -15.16 11.51 -2.96
C VAL C 261 -14.63 11.14 -4.35
N HIS C 262 -13.51 10.45 -4.38
CA HIS C 262 -12.94 10.06 -5.67
C HIS C 262 -13.77 8.91 -6.25
N MET C 263 -14.01 7.89 -5.45
CA MET C 263 -14.78 6.72 -5.86
C MET C 263 -16.18 7.17 -6.28
N TRP C 264 -16.66 8.24 -5.69
CA TRP C 264 -17.97 8.75 -6.06
C TRP C 264 -17.95 9.25 -7.50
N HIS C 265 -16.90 9.96 -7.86
CA HIS C 265 -16.79 10.50 -9.20
C HIS C 265 -16.76 9.39 -10.23
N ILE C 266 -16.00 8.33 -9.96
CA ILE C 266 -15.93 7.22 -10.88
C ILE C 266 -17.28 6.51 -10.96
N ALA C 267 -18.08 6.63 -9.89
CA ALA C 267 -19.38 5.97 -9.83
C ALA C 267 -20.49 6.72 -10.53
N GLN C 268 -20.48 8.04 -10.42
CA GLN C 268 -21.51 8.83 -11.07
C GLN C 268 -21.25 9.03 -12.55
N ARG C 269 -19.97 8.98 -12.93
CA ARG C 269 -19.58 9.20 -14.32
C ARG C 269 -19.56 7.95 -15.18
N ASP C 270 -19.16 6.81 -14.61
CA ASP C 270 -19.10 5.59 -15.39
C ASP C 270 -20.20 4.54 -15.11
N TYR C 271 -21.11 4.84 -14.19
CA TYR C 271 -22.20 3.90 -13.87
C TYR C 271 -23.53 4.56 -13.61
N SER C 272 -23.55 5.89 -13.49
CA SER C 272 -24.80 6.60 -13.22
C SER C 272 -25.33 6.17 -11.86
N TRP C 273 -24.41 5.83 -10.96
CA TRP C 273 -24.79 5.38 -9.62
C TRP C 273 -25.53 6.46 -8.83
N HIS C 274 -26.41 6.00 -7.94
CA HIS C 274 -27.22 6.88 -7.09
C HIS C 274 -27.51 6.14 -5.79
N PRO C 275 -27.61 6.89 -4.68
CA PRO C 275 -27.90 6.25 -3.39
C PRO C 275 -29.39 5.90 -3.34
N THR C 276 -29.70 4.74 -2.79
CA THR C 276 -31.08 4.28 -2.64
C THR C 276 -31.49 4.47 -1.18
N THR C 277 -30.93 3.62 -0.31
CA THR C 277 -31.18 3.63 1.14
C THR C 277 -31.10 5.02 1.75
N SER C 278 -29.87 5.45 2.07
CA SER C 278 -29.61 6.74 2.69
C SER C 278 -30.19 7.86 1.82
N GLN C 279 -30.72 8.90 2.46
CA GLN C 279 -31.33 10.03 1.75
C GLN C 279 -30.29 10.98 1.13
N ALA C 280 -29.30 11.36 1.93
CA ALA C 280 -28.25 12.27 1.48
C ALA C 280 -27.75 11.87 0.09
N LYS C 281 -27.70 12.85 -0.82
CA LYS C 281 -27.25 12.61 -2.18
C LYS C 281 -25.73 12.71 -2.27
N GLY C 282 -25.14 13.52 -1.40
CA GLY C 282 -23.69 13.67 -1.40
C GLY C 282 -23.07 12.55 -0.59
N PRO C 283 -21.74 12.48 -0.46
CA PRO C 283 -21.17 11.40 0.34
C PRO C 283 -21.55 11.55 1.81
N SER C 284 -21.66 10.43 2.51
CA SER C 284 -22.01 10.42 3.92
C SER C 284 -21.75 9.01 4.46
N PRO C 285 -21.61 8.87 5.78
CA PRO C 285 -21.35 7.54 6.34
C PRO C 285 -22.22 6.44 5.73
N GLN C 286 -23.54 6.65 5.69
CA GLN C 286 -24.43 5.64 5.13
C GLN C 286 -24.32 5.50 3.61
N THR C 287 -24.30 6.62 2.89
CA THR C 287 -24.21 6.56 1.43
C THR C 287 -22.89 5.92 0.98
N ASN C 288 -21.81 6.19 1.71
CA ASN C 288 -20.52 5.62 1.37
C ASN C 288 -20.57 4.09 1.55
N LYS C 289 -21.12 3.64 2.68
CA LYS C 289 -21.23 2.20 2.93
C LYS C 289 -22.02 1.57 1.79
N GLU C 290 -23.08 2.25 1.38
CA GLU C 290 -23.91 1.77 0.29
C GLU C 290 -23.10 1.67 -1.01
N LEU C 291 -22.37 2.74 -1.34
CA LEU C 291 -21.53 2.74 -2.54
C LEU C 291 -20.54 1.58 -2.50
N GLY C 292 -19.94 1.37 -1.33
CA GLY C 292 -18.98 0.29 -1.20
C GLY C 292 -19.63 -1.06 -1.44
N ASN C 293 -20.89 -1.21 -1.06
CA ASN C 293 -21.57 -2.48 -1.26
C ASN C 293 -21.91 -2.69 -2.72
N PHE C 294 -22.15 -1.59 -3.41
CA PHE C 294 -22.48 -1.67 -4.82
C PHE C 294 -21.34 -2.34 -5.58
N PHE C 295 -20.12 -1.86 -5.36
CA PHE C 295 -18.98 -2.44 -6.05
C PHE C 295 -18.60 -3.85 -5.64
N ARG C 296 -18.86 -4.19 -4.39
CA ARG C 296 -18.53 -5.52 -3.91
C ARG C 296 -19.52 -6.49 -4.56
N SER C 297 -20.75 -6.04 -4.76
CA SER C 297 -21.78 -6.87 -5.38
C SER C 297 -21.45 -6.99 -6.87
N LEU C 298 -21.01 -5.90 -7.46
CA LEU C 298 -20.65 -5.85 -8.87
C LEU C 298 -19.39 -6.64 -9.25
N TRP C 299 -18.29 -6.48 -8.51
CA TRP C 299 -17.05 -7.16 -8.85
C TRP C 299 -16.75 -8.47 -8.12
N GLY C 300 -17.40 -8.69 -6.98
CA GLY C 300 -17.14 -9.91 -6.25
C GLY C 300 -16.18 -9.69 -5.09
N PRO C 301 -15.58 -10.77 -4.54
CA PRO C 301 -14.64 -10.79 -3.42
C PRO C 301 -13.42 -9.88 -3.54
N TYR C 302 -12.92 -9.68 -4.76
CA TYR C 302 -11.76 -8.81 -4.97
C TYR C 302 -12.17 -7.43 -5.47
N ALA C 303 -13.28 -6.92 -4.97
CA ALA C 303 -13.76 -5.61 -5.38
C ALA C 303 -12.68 -4.55 -5.17
N GLY C 304 -11.89 -4.71 -4.11
CA GLY C 304 -10.83 -3.76 -3.81
C GLY C 304 -9.75 -3.74 -4.86
N TRP C 305 -9.45 -4.89 -5.45
CA TRP C 305 -8.42 -4.94 -6.48
C TRP C 305 -8.92 -4.28 -7.77
N ALA C 306 -10.20 -4.45 -8.07
CA ALA C 306 -10.78 -3.87 -9.27
C ALA C 306 -10.75 -2.35 -9.14
N GLN C 307 -10.98 -1.87 -7.93
CA GLN C 307 -10.99 -0.43 -7.71
C GLN C 307 -9.62 0.17 -8.07
N ALA C 308 -8.54 -0.51 -7.67
CA ALA C 308 -7.20 -0.03 -7.96
C ALA C 308 -7.04 0.13 -9.47
N VAL C 309 -7.47 -0.88 -10.21
CA VAL C 309 -7.40 -0.86 -11.65
C VAL C 309 -8.05 0.41 -12.20
N LEU C 310 -9.29 0.69 -11.79
CA LEU C 310 -9.98 1.89 -12.29
C LEU C 310 -9.30 3.19 -11.90
N PHE C 311 -8.87 3.31 -10.64
CA PHE C 311 -8.19 4.52 -10.17
C PHE C 311 -6.99 4.85 -11.02
N SER C 312 -6.32 3.81 -11.48
CA SER C 312 -5.14 3.95 -12.29
C SER C 312 -5.50 4.51 -13.67
N ALA C 313 -6.46 3.87 -14.32
CA ALA C 313 -6.92 4.28 -15.64
C ALA C 313 -7.55 5.66 -15.60
N ASP C 314 -7.98 6.08 -14.42
CA ASP C 314 -8.61 7.37 -14.25
C ASP C 314 -7.57 8.47 -14.11
N LEU C 315 -6.30 8.07 -14.05
CA LEU C 315 -5.19 9.02 -13.90
C LEU C 315 -4.78 9.66 -15.23
CA CA D . -11.70 5.54 15.56
C1 GOL E . 3.65 6.98 -3.19
O1 GOL E . 2.51 5.99 -3.75
C2 GOL E . 4.54 7.77 -3.95
O2 GOL E . 3.93 8.37 -4.99
C3 GOL E . 5.64 7.70 -3.45
O3 GOL E . 6.79 7.30 -2.49
#